data_6OTU
#
_entry.id   6OTU
#
_cell.length_a   95.660
_cell.length_b   95.660
_cell.length_c   124.460
_cell.angle_alpha   90.00
_cell.angle_beta   90.00
_cell.angle_gamma   90.00
#
_symmetry.space_group_name_H-M   'P 42 2 2'
#
loop_
_entity.id
_entity.type
_entity.pdbx_description
1 polymer 'Glucose-6-phosphate isomerase'
2 non-polymer 'ACETATE ION'
3 non-polymer GLUCOSE-6-PHOSPHATE
4 water water
#
_entity_poly.entity_id   1
_entity_poly.type   'polypeptide(L)'
_entity_poly.pdbx_seq_one_letter_code
;MAHHHHHHMMGKGFLDCESLVALQEMALHPIDLTASGCLSEERIQKNSLSVEGFTYSYATERVDDRCLEALQGLTEEREL
IKQMECMQQGAIMNRIEGFQSESRPVLHTATRAWVRDQDLHEEAAAIARHSKEEALRLAEFLYIARAKFSTLVQIGIGGS
ELGPKAMYFAMQGSCPSDKRIFFVSNIDPDNAAEVLREIDLEQTLVVVVSKSGTTLEPAANEELFRQAYQNKGLSIAEHF
VAVTSQGSPMDDKSRYLEVFHLWDSIGGRFSATSMVGGVVLGFAFGYEAFIEFLQGAAAIDAHALTPKMRENLPLLSAML
GVWNRNLLGYPTTAVIPYSTGLKYFTAHLQQCGMESNGKSISREGKEISFRTSPIIWGDVGTNCQHSFFQSLHQGTDIVP
VEFIGFLHNQRGLDCVLSGSSSSQKLFANLVAQSLALAQGRDNANPNKRFKGNSPSSILVAQQLSPRIAGSLLAFYEHKF
AFQGFCWGINSFDQEGVSLGKELATQIIGIMSGNAPVEFPEARGVLRLFNVLT
;
_entity_poly.pdbx_strand_id   A
#
loop_
_chem_comp.id
_chem_comp.type
_chem_comp.name
_chem_comp.formula
ACT non-polymer 'ACETATE ION' 'C2 H3 O2 -1'
G6Q non-polymer GLUCOSE-6-PHOSPHATE 'C6 H13 O9 P'
#
# COMPACT_ATOMS: atom_id res chain seq x y z
N LYS A 12 -4.04 -8.23 27.30
CA LYS A 12 -2.74 -8.88 27.37
C LYS A 12 -1.85 -8.43 26.22
N GLY A 13 -0.69 -7.84 26.55
CA GLY A 13 0.21 -7.34 25.53
C GLY A 13 0.83 -8.46 24.69
N PHE A 14 1.49 -8.04 23.61
CA PHE A 14 1.96 -8.96 22.59
C PHE A 14 2.75 -10.13 23.19
N LEU A 15 3.82 -9.83 23.94
CA LEU A 15 4.70 -10.85 24.49
C LEU A 15 4.09 -11.65 25.63
N ASP A 16 2.97 -11.18 26.22
CA ASP A 16 2.37 -11.83 27.37
C ASP A 16 1.27 -12.82 26.99
N CYS A 17 0.88 -12.88 25.73
CA CYS A 17 -0.11 -13.86 25.29
C CYS A 17 0.43 -15.29 25.33
N GLU A 18 -0.36 -16.21 25.93
CA GLU A 18 0.01 -17.62 25.99
C GLU A 18 0.36 -18.17 24.61
N SER A 19 -0.43 -17.84 23.58
CA SER A 19 -0.19 -18.36 22.24
C SER A 19 1.16 -17.94 21.70
N LEU A 20 1.62 -16.72 22.05
CA LEU A 20 2.97 -16.33 21.65
C LEU A 20 4.00 -17.19 22.35
N VAL A 21 3.77 -17.53 23.61
CA VAL A 21 4.66 -18.44 24.32
C VAL A 21 4.73 -19.80 23.60
N ALA A 22 3.58 -20.34 23.22
CA ALA A 22 3.59 -21.59 22.45
C ALA A 22 4.36 -21.42 21.15
N LEU A 23 4.19 -20.27 20.49
CA LEU A 23 4.82 -20.08 19.19
C LEU A 23 6.34 -19.97 19.30
N GLN A 24 6.84 -19.45 20.43
CA GLN A 24 8.28 -19.34 20.62
C GLN A 24 8.93 -20.71 20.72
N GLU A 25 8.23 -21.67 21.34
CA GLU A 25 8.72 -23.05 21.36
C GLU A 25 8.68 -23.66 19.96
N MET A 26 7.62 -23.40 19.20
CA MET A 26 7.51 -23.95 17.86
C MET A 26 8.56 -23.35 16.93
N ALA A 27 8.87 -22.06 17.09
CA ALA A 27 9.85 -21.41 16.23
C ALA A 27 11.24 -22.00 16.35
N LEU A 28 11.51 -22.79 17.40
CA LEU A 28 12.82 -23.45 17.54
C LEU A 28 13.09 -24.43 16.41
N HIS A 29 12.05 -25.13 15.95
CA HIS A 29 12.19 -26.20 14.95
C HIS A 29 11.06 -26.08 13.95
N PRO A 30 11.09 -25.05 13.11
CA PRO A 30 10.07 -24.93 12.06
C PRO A 30 10.15 -26.08 11.06
N ILE A 31 9.01 -26.36 10.41
CA ILE A 31 8.97 -27.47 9.47
C ILE A 31 10.07 -27.29 8.41
N ASP A 32 10.65 -28.42 7.99
CA ASP A 32 11.72 -28.44 6.98
C ASP A 32 11.08 -28.61 5.61
N LEU A 33 10.96 -27.51 4.86
CA LEU A 33 10.35 -27.60 3.54
C LEU A 33 11.22 -28.35 2.55
N THR A 34 12.49 -28.65 2.87
CA THR A 34 13.34 -29.40 1.96
C THR A 34 13.26 -30.91 2.16
N ALA A 35 12.61 -31.38 3.23
CA ALA A 35 12.49 -32.82 3.45
C ALA A 35 11.65 -33.45 2.34
N SER A 36 12.12 -34.58 1.82
CA SER A 36 11.47 -35.22 0.68
C SER A 36 10.01 -35.51 1.00
N GLY A 37 9.13 -35.21 0.04
CA GLY A 37 7.70 -35.40 0.20
C GLY A 37 6.98 -34.43 1.12
N CYS A 38 7.62 -33.34 1.57
CA CYS A 38 6.94 -32.43 2.48
C CYS A 38 5.87 -31.61 1.77
N LEU A 39 6.13 -31.21 0.52
CA LEU A 39 5.17 -30.43 -0.27
C LEU A 39 4.22 -31.39 -1.01
N SER A 40 3.41 -32.07 -0.21
CA SER A 40 2.47 -33.08 -0.68
C SER A 40 1.20 -32.43 -1.22
N GLU A 41 0.40 -33.26 -1.91
CA GLU A 41 -0.89 -32.77 -2.39
C GLU A 41 -1.78 -32.36 -1.22
N GLU A 42 -1.81 -33.17 -0.16
CA GLU A 42 -2.54 -32.79 1.06
C GLU A 42 -2.11 -31.42 1.56
N ARG A 43 -0.80 -31.18 1.68
CA ARG A 43 -0.37 -29.89 2.23
C ARG A 43 -0.68 -28.74 1.27
N ILE A 44 -0.60 -28.98 -0.04
CA ILE A 44 -0.90 -27.94 -1.01
C ILE A 44 -2.38 -27.61 -0.99
N GLN A 45 -3.25 -28.62 -0.82
CA GLN A 45 -4.68 -28.34 -0.68
C GLN A 45 -4.98 -27.67 0.66
N LYS A 46 -4.48 -28.24 1.77
CA LYS A 46 -4.85 -27.73 3.09
C LYS A 46 -4.43 -26.27 3.28
N ASN A 47 -3.17 -25.93 2.98
CA ASN A 47 -2.63 -24.60 3.24
C ASN A 47 -2.93 -23.64 2.08
N SER A 48 -4.21 -23.46 1.82
CA SER A 48 -4.66 -22.51 0.81
C SER A 48 -6.05 -21.98 1.15
N LEU A 49 -6.41 -20.89 0.48
CA LEU A 49 -7.66 -20.18 0.73
C LEU A 49 -8.06 -19.53 -0.57
N SER A 50 -9.26 -19.83 -1.06
CA SER A 50 -9.70 -19.22 -2.30
C SER A 50 -11.05 -18.57 -2.04
N VAL A 51 -11.09 -17.25 -2.19
CA VAL A 51 -12.20 -16.42 -1.74
C VAL A 51 -11.99 -15.02 -2.30
N GLU A 52 -13.10 -14.31 -2.50
CA GLU A 52 -13.12 -12.90 -2.94
C GLU A 52 -12.32 -12.68 -4.23
N GLY A 53 -12.37 -13.67 -5.12
CA GLY A 53 -11.66 -13.59 -6.39
C GLY A 53 -10.19 -13.98 -6.37
N PHE A 54 -9.67 -14.49 -5.25
CA PHE A 54 -8.27 -14.85 -5.14
C PHE A 54 -8.12 -16.30 -4.69
N THR A 55 -6.97 -16.88 -5.00
CA THR A 55 -6.46 -18.03 -4.27
C THR A 55 -5.15 -17.62 -3.60
N TYR A 56 -5.00 -18.05 -2.35
CA TYR A 56 -3.81 -17.77 -1.54
C TYR A 56 -3.26 -19.12 -1.08
N SER A 57 -2.03 -19.42 -1.51
CA SER A 57 -1.34 -20.66 -1.15
C SER A 57 -0.14 -20.31 -0.27
N TYR A 58 0.00 -21.04 0.84
CA TYR A 58 1.10 -20.83 1.77
C TYR A 58 1.72 -22.15 2.18
N ALA A 59 1.56 -23.20 1.35
CA ALA A 59 2.28 -24.43 1.59
C ALA A 59 3.80 -24.22 1.57
N THR A 60 4.28 -23.15 0.95
CA THR A 60 5.71 -22.84 0.92
C THR A 60 6.14 -21.89 2.03
N GLU A 61 5.30 -21.66 3.04
CA GLU A 61 5.71 -21.03 4.29
C GLU A 61 6.07 -22.12 5.30
N ARG A 62 6.98 -21.80 6.21
CA ARG A 62 7.46 -22.76 7.21
C ARG A 62 6.47 -22.83 8.38
N VAL A 63 5.28 -23.33 8.08
CA VAL A 63 4.21 -23.46 9.06
C VAL A 63 3.56 -24.84 8.91
N ASP A 64 3.16 -25.41 10.04
CA ASP A 64 2.38 -26.65 10.10
C ASP A 64 1.13 -26.39 10.93
N ASP A 65 0.32 -27.45 11.12
CA ASP A 65 -0.98 -27.28 11.74
C ASP A 65 -0.87 -26.77 13.19
N ARG A 66 0.12 -27.26 13.92
CA ARG A 66 0.37 -26.79 15.30
C ARG A 66 0.60 -25.29 15.32
N CYS A 67 1.47 -24.81 14.43
CA CYS A 67 1.78 -23.39 14.33
C CYS A 67 0.56 -22.55 13.96
N LEU A 68 -0.22 -23.01 12.99
CA LEU A 68 -1.41 -22.27 12.56
C LEU A 68 -2.51 -22.29 13.62
N GLU A 69 -2.59 -23.32 14.47
CA GLU A 69 -3.58 -23.26 15.55
C GLU A 69 -3.20 -22.20 16.56
N ALA A 70 -1.92 -22.09 16.88
CA ALA A 70 -1.47 -21.10 17.85
C ALA A 70 -1.55 -19.69 17.28
N LEU A 71 -1.12 -19.49 16.03
CA LEU A 71 -1.34 -18.18 15.40
C LEU A 71 -2.82 -17.79 15.47
N GLN A 72 -3.73 -18.75 15.21
CA GLN A 72 -5.15 -18.43 15.37
C GLN A 72 -5.47 -18.00 16.79
N GLY A 73 -4.89 -18.70 17.78
CA GLY A 73 -5.05 -18.28 19.17
C GLY A 73 -4.51 -16.89 19.42
N LEU A 74 -3.40 -16.53 18.74
CA LEU A 74 -2.84 -15.19 18.92
C LEU A 74 -3.82 -14.11 18.45
N THR A 75 -4.53 -14.34 17.33
CA THR A 75 -5.51 -13.35 16.86
C THR A 75 -6.62 -13.17 17.88
N GLU A 76 -6.96 -14.23 18.61
CA GLU A 76 -8.01 -14.16 19.61
C GLU A 76 -7.54 -13.44 20.86
N GLU A 77 -6.39 -13.85 21.40
CA GLU A 77 -5.88 -13.24 22.64
C GLU A 77 -5.61 -11.75 22.45
N ARG A 78 -5.16 -11.34 21.27
CA ARG A 78 -4.95 -9.94 20.96
C ARG A 78 -6.19 -9.26 20.38
N GLU A 79 -7.29 -9.99 20.18
CA GLU A 79 -8.58 -9.40 19.80
C GLU A 79 -8.48 -8.59 18.51
N LEU A 80 -7.87 -9.21 17.50
CA LEU A 80 -7.64 -8.52 16.23
C LEU A 80 -8.95 -8.22 15.51
N ILE A 81 -9.90 -9.16 15.52
CA ILE A 81 -11.18 -8.92 14.85
C ILE A 81 -11.95 -7.78 15.54
N LYS A 82 -11.95 -7.76 16.88
CA LYS A 82 -12.65 -6.69 17.58
C LYS A 82 -12.03 -5.34 17.26
N GLN A 83 -10.70 -5.28 17.16
CA GLN A 83 -10.06 -4.02 16.82
C GLN A 83 -10.38 -3.59 15.39
N MET A 84 -10.48 -4.55 14.46
CA MET A 84 -10.84 -4.22 13.08
C MET A 84 -12.25 -3.63 13.04
N GLU A 85 -13.19 -4.24 13.76
CA GLU A 85 -14.54 -3.67 13.84
C GLU A 85 -14.48 -2.26 14.38
N CYS A 86 -13.82 -2.09 15.53
CA CYS A 86 -13.71 -0.78 16.17
C CYS A 86 -13.19 0.26 15.17
N MET A 87 -12.13 -0.09 14.43
CA MET A 87 -11.60 0.81 13.41
C MET A 87 -12.67 1.15 12.37
N GLN A 88 -13.32 0.12 11.82
CA GLN A 88 -14.29 0.35 10.75
C GLN A 88 -15.54 1.04 11.26
N GLN A 89 -15.89 0.87 12.54
CA GLN A 89 -17.11 1.47 13.06
C GLN A 89 -16.90 2.91 13.50
N GLY A 90 -15.64 3.34 13.62
CA GLY A 90 -15.31 4.72 13.90
C GLY A 90 -14.66 5.00 15.24
N ALA A 91 -14.18 3.99 15.97
CA ALA A 91 -13.57 4.25 17.27
C ALA A 91 -12.26 5.03 17.14
N ILE A 92 -11.83 5.64 18.25
CA ILE A 92 -10.59 6.41 18.27
C ILE A 92 -9.39 5.48 18.32
N MET A 93 -8.92 5.03 17.15
CA MET A 93 -7.77 4.14 17.11
C MET A 93 -6.44 4.86 16.94
N ASN A 94 -6.44 6.10 16.44
CA ASN A 94 -5.21 6.86 16.24
C ASN A 94 -4.97 7.65 17.52
N ARG A 95 -4.32 7.04 18.50
CA ARG A 95 -4.02 7.77 19.72
C ARG A 95 -2.99 7.02 20.55
N ILE A 96 -2.28 7.77 21.39
CA ILE A 96 -1.32 7.23 22.35
C ILE A 96 -1.81 7.63 23.74
N GLU A 97 -2.07 6.64 24.59
CA GLU A 97 -2.58 6.94 25.92
C GLU A 97 -1.46 7.47 26.79
N GLY A 98 -1.78 8.45 27.62
CA GLY A 98 -0.84 9.03 28.54
C GLY A 98 -0.10 10.24 28.03
N PHE A 99 -0.22 10.55 26.73
CA PHE A 99 0.63 11.55 26.11
C PHE A 99 -0.16 12.28 25.05
N GLN A 100 0.37 13.44 24.66
CA GLN A 100 -0.18 14.18 23.51
C GLN A 100 -0.06 13.35 22.24
N SER A 101 -1.14 13.30 21.46
CA SER A 101 -1.23 12.50 20.24
C SER A 101 -2.38 13.05 19.41
N GLU A 102 -2.56 12.51 18.19
CA GLU A 102 -3.58 13.05 17.29
C GLU A 102 -4.99 12.73 17.77
N SER A 103 -5.21 11.54 18.35
CA SER A 103 -6.46 11.16 19.04
C SER A 103 -7.69 11.33 18.14
N ARG A 104 -7.83 10.45 17.15
CA ARG A 104 -8.94 10.59 16.22
C ARG A 104 -9.26 9.23 15.62
N PRO A 105 -10.41 9.09 14.97
CA PRO A 105 -10.73 7.84 14.28
C PRO A 105 -9.89 7.64 13.02
N VAL A 106 -10.05 6.43 12.47
CA VAL A 106 -9.28 5.91 11.34
C VAL A 106 -10.27 5.32 10.35
N LEU A 107 -10.61 6.08 9.30
CA LEU A 107 -11.86 5.82 8.59
C LEU A 107 -11.70 5.74 7.08
N HIS A 108 -10.56 5.26 6.59
CA HIS A 108 -10.44 5.04 5.15
C HIS A 108 -11.45 3.99 4.63
N THR A 109 -11.83 3.00 5.46
CA THR A 109 -12.85 2.05 5.01
C THR A 109 -14.19 2.73 4.73
N ALA A 110 -14.50 3.81 5.45
CA ALA A 110 -15.79 4.47 5.24
C ALA A 110 -15.83 5.22 3.91
N THR A 111 -14.68 5.50 3.29
CA THR A 111 -14.70 6.18 1.99
C THR A 111 -15.19 5.30 0.85
N ARG A 112 -15.26 3.97 1.07
CA ARG A 112 -15.88 3.07 0.10
C ARG A 112 -17.04 2.25 0.67
N ALA A 113 -17.29 2.32 1.98
CA ALA A 113 -18.33 1.51 2.59
C ALA A 113 -19.70 1.78 1.95
N TRP A 114 -19.90 2.97 1.40
CA TRP A 114 -21.22 3.36 0.90
C TRP A 114 -21.62 2.64 -0.37
N VAL A 115 -20.72 1.90 -1.03
CA VAL A 115 -21.13 1.20 -2.24
C VAL A 115 -21.80 -0.13 -1.94
N ARG A 116 -21.81 -0.58 -0.70
CA ARG A 116 -22.59 -1.74 -0.29
C ARG A 116 -23.28 -1.42 1.03
N ASP A 117 -24.55 -1.81 1.13
CA ASP A 117 -25.35 -1.52 2.31
C ASP A 117 -24.59 -1.84 3.58
N GLN A 118 -24.68 -0.94 4.55
CA GLN A 118 -23.93 -1.10 5.79
C GLN A 118 -24.60 -0.34 6.91
N ASP A 119 -24.30 -0.74 8.14
CA ASP A 119 -24.84 -0.11 9.33
C ASP A 119 -23.69 0.63 10.02
N LEU A 120 -23.41 1.83 9.53
CA LEU A 120 -22.38 2.72 10.06
C LEU A 120 -23.03 3.83 10.88
N HIS A 121 -22.41 4.18 12.01
CA HIS A 121 -22.95 5.20 12.89
C HIS A 121 -21.90 6.27 13.16
N GLU A 122 -22.41 7.43 13.56
CA GLU A 122 -21.62 8.54 14.11
C GLU A 122 -20.53 8.95 13.11
N GLU A 123 -19.26 9.03 13.51
CA GLU A 123 -18.26 9.61 12.61
C GLU A 123 -18.12 8.76 11.36
N ALA A 124 -18.22 7.44 11.49
CA ALA A 124 -18.08 6.56 10.33
C ALA A 124 -19.21 6.78 9.33
N ALA A 125 -20.44 6.97 9.82
CA ALA A 125 -21.55 7.28 8.93
C ALA A 125 -21.36 8.63 8.25
N ALA A 126 -20.82 9.61 8.96
CA ALA A 126 -20.62 10.92 8.35
C ALA A 126 -19.61 10.85 7.22
N ILE A 127 -18.51 10.11 7.44
CA ILE A 127 -17.52 9.94 6.39
C ILE A 127 -18.12 9.20 5.20
N ALA A 128 -18.96 8.21 5.46
CA ALA A 128 -19.53 7.46 4.36
C ALA A 128 -20.45 8.34 3.53
N ARG A 129 -21.30 9.15 4.16
CA ARG A 129 -22.20 9.93 3.33
C ARG A 129 -21.48 11.08 2.64
N HIS A 130 -20.45 11.64 3.28
CA HIS A 130 -19.70 12.69 2.60
C HIS A 130 -18.92 12.13 1.41
N SER A 131 -18.39 10.91 1.55
CA SER A 131 -17.74 10.26 0.42
C SER A 131 -18.71 10.07 -0.74
N LYS A 132 -19.94 9.65 -0.43
CA LYS A 132 -20.94 9.50 -1.48
C LYS A 132 -21.27 10.84 -2.12
N GLU A 133 -21.41 11.88 -1.30
CA GLU A 133 -21.63 13.22 -1.86
C GLU A 133 -20.45 13.68 -2.71
N GLU A 134 -19.22 13.35 -2.31
CA GLU A 134 -18.05 13.73 -3.11
C GLU A 134 -18.05 13.00 -4.44
N ALA A 135 -18.33 11.69 -4.41
CA ALA A 135 -18.31 10.88 -5.63
C ALA A 135 -19.33 11.37 -6.66
N LEU A 136 -20.53 11.74 -6.22
CA LEU A 136 -21.49 12.25 -7.19
C LEU A 136 -21.05 13.61 -7.71
N ARG A 137 -20.37 14.41 -6.88
CA ARG A 137 -19.78 15.62 -7.40
C ARG A 137 -18.67 15.29 -8.40
N LEU A 138 -17.96 14.19 -8.19
CA LEU A 138 -16.93 13.76 -9.12
C LEU A 138 -17.53 13.35 -10.46
N ALA A 139 -18.57 12.50 -10.42
CA ALA A 139 -19.23 12.10 -11.66
C ALA A 139 -19.69 13.31 -12.47
N GLU A 140 -20.28 14.30 -11.81
CA GLU A 140 -20.68 15.53 -12.48
C GLU A 140 -19.48 16.25 -13.06
N PHE A 141 -18.38 16.29 -12.31
CA PHE A 141 -17.20 17.02 -12.73
C PHE A 141 -16.52 16.34 -13.92
N LEU A 142 -16.50 15.00 -13.93
CA LEU A 142 -15.75 14.27 -14.94
C LEU A 142 -16.44 14.32 -16.30
N TYR A 143 -17.77 14.37 -16.33
CA TYR A 143 -18.51 14.52 -17.58
C TYR A 143 -17.99 15.72 -18.37
N ILE A 144 -17.66 16.81 -17.68
CA ILE A 144 -17.15 18.01 -18.34
C ILE A 144 -15.65 17.91 -18.57
N ALA A 145 -14.90 17.51 -17.53
CA ALA A 145 -13.44 17.58 -17.56
C ALA A 145 -12.85 16.61 -18.58
N ARG A 146 -13.39 15.40 -18.67
CA ARG A 146 -12.91 14.45 -19.67
C ARG A 146 -13.22 14.92 -21.09
N ALA A 147 -14.12 15.89 -21.26
CA ALA A 147 -14.41 16.44 -22.58
C ALA A 147 -13.48 17.59 -22.94
N LYS A 148 -12.93 18.28 -21.94
CA LYS A 148 -12.14 19.48 -22.17
C LYS A 148 -10.62 19.26 -22.12
N PHE A 149 -10.14 18.26 -21.37
CA PHE A 149 -8.71 18.06 -21.14
C PHE A 149 -8.26 16.68 -21.59
N SER A 150 -7.07 16.64 -22.20
CA SER A 150 -6.42 15.40 -22.58
C SER A 150 -5.38 14.94 -21.55
N THR A 151 -5.01 15.80 -20.61
CA THR A 151 -3.82 15.63 -19.78
C THR A 151 -4.12 16.01 -18.34
N LEU A 152 -3.76 15.14 -17.40
CA LEU A 152 -3.89 15.42 -15.98
C LEU A 152 -2.53 15.32 -15.30
N VAL A 153 -2.21 16.30 -14.45
CA VAL A 153 -0.95 16.34 -13.71
C VAL A 153 -1.28 16.37 -12.22
N GLN A 154 -0.94 15.30 -11.51
CA GLN A 154 -1.17 15.26 -10.08
C GLN A 154 0.06 15.80 -9.36
N ILE A 155 -0.11 16.91 -8.66
CA ILE A 155 0.91 17.50 -7.81
C ILE A 155 0.63 17.05 -6.38
N GLY A 156 1.58 16.36 -5.78
CA GLY A 156 1.41 15.80 -4.44
C GLY A 156 2.52 14.83 -4.17
N ILE A 157 2.68 14.51 -2.88
CA ILE A 157 3.81 13.70 -2.46
C ILE A 157 3.34 12.71 -1.40
N GLY A 158 4.13 11.65 -1.21
CA GLY A 158 3.82 10.69 -0.15
C GLY A 158 2.49 10.01 -0.40
N GLY A 159 1.64 9.97 0.64
CA GLY A 159 0.31 9.38 0.49
C GLY A 159 -0.55 10.04 -0.59
N SER A 160 -0.26 11.30 -0.92
CA SER A 160 -0.98 11.99 -1.98
C SER A 160 -0.56 11.60 -3.39
N GLU A 161 0.51 10.80 -3.55
CA GLU A 161 0.95 10.37 -4.88
C GLU A 161 0.99 8.85 -5.05
N LEU A 162 1.59 8.13 -4.10
CA LEU A 162 2.03 6.77 -4.38
C LEU A 162 0.87 5.82 -4.58
N GLY A 163 -0.16 5.90 -3.73
CA GLY A 163 -1.35 5.08 -3.87
C GLY A 163 -2.09 5.32 -5.18
N PRO A 164 -2.48 6.58 -5.44
CA PRO A 164 -3.05 6.89 -6.76
C PRO A 164 -2.20 6.41 -7.93
N LYS A 165 -0.88 6.63 -7.87
CA LYS A 165 0.00 6.26 -8.98
C LYS A 165 0.04 4.73 -9.14
N ALA A 166 0.17 4.00 -8.04
CA ALA A 166 0.14 2.54 -8.11
C ALA A 166 -1.18 2.03 -8.70
N MET A 167 -2.29 2.69 -8.34
CA MET A 167 -3.59 2.24 -8.85
C MET A 167 -3.78 2.63 -10.31
N TYR A 168 -3.28 3.80 -10.71
CA TYR A 168 -3.42 4.23 -12.09
C TYR A 168 -2.72 3.26 -13.04
N PHE A 169 -1.47 2.88 -12.75
CA PHE A 169 -0.79 1.91 -13.59
C PHE A 169 -1.40 0.53 -13.47
N ALA A 170 -2.01 0.20 -12.33
CA ALA A 170 -2.64 -1.11 -12.21
C ALA A 170 -3.81 -1.25 -13.18
N MET A 171 -4.55 -0.18 -13.36
CA MET A 171 -5.77 -0.20 -14.16
C MET A 171 -5.52 0.16 -15.62
N GLN A 172 -4.37 0.76 -15.92
CA GLN A 172 -4.07 1.22 -17.28
C GLN A 172 -4.29 0.12 -18.32
N GLY A 173 -4.01 -1.14 -17.97
CA GLY A 173 -4.12 -2.22 -18.95
C GLY A 173 -5.53 -2.71 -19.19
N SER A 174 -6.46 -2.37 -18.30
CA SER A 174 -7.84 -2.84 -18.39
C SER A 174 -8.79 -1.81 -18.98
N CYS A 175 -8.52 -0.52 -18.83
CA CYS A 175 -9.51 0.50 -19.17
C CYS A 175 -9.02 1.32 -20.33
N PRO A 176 -9.76 1.34 -21.45
CA PRO A 176 -9.36 2.18 -22.58
C PRO A 176 -9.33 3.65 -22.18
N SER A 177 -8.29 4.35 -22.62
CA SER A 177 -8.08 5.75 -22.24
C SER A 177 -7.09 6.39 -23.20
N ASP A 178 -7.37 7.63 -23.60
CA ASP A 178 -6.43 8.47 -24.34
C ASP A 178 -5.86 9.60 -23.48
N LYS A 179 -6.14 9.60 -22.18
CA LYS A 179 -5.61 10.63 -21.29
C LYS A 179 -4.14 10.40 -21.01
N ARG A 180 -3.39 11.48 -20.94
CA ARG A 180 -2.00 11.44 -20.52
C ARG A 180 -1.91 11.92 -19.07
N ILE A 181 -1.20 11.15 -18.24
CA ILE A 181 -1.25 11.29 -16.79
C ILE A 181 0.18 11.39 -16.26
N PHE A 182 0.43 12.41 -15.45
CA PHE A 182 1.75 12.66 -14.89
C PHE A 182 1.62 12.91 -13.39
N PHE A 183 2.71 12.64 -12.68
CA PHE A 183 2.80 12.91 -11.24
C PHE A 183 4.03 13.76 -10.99
N VAL A 184 3.81 14.91 -10.36
CA VAL A 184 4.88 15.80 -9.93
C VAL A 184 4.86 15.81 -8.40
N SER A 185 5.96 15.35 -7.81
CA SER A 185 5.96 15.10 -6.37
C SER A 185 7.17 15.73 -5.68
N ASN A 186 8.37 15.41 -6.16
CA ASN A 186 9.60 15.85 -5.50
C ASN A 186 9.72 17.38 -5.51
N ILE A 187 10.30 17.93 -4.45
CA ILE A 187 10.65 19.34 -4.53
C ILE A 187 11.80 19.58 -5.51
N ASP A 188 12.58 18.55 -5.84
CA ASP A 188 13.50 18.58 -6.96
C ASP A 188 12.79 19.16 -8.18
N PRO A 189 13.13 20.38 -8.62
CA PRO A 189 12.39 20.99 -9.73
C PRO A 189 12.59 20.28 -11.06
N ASP A 190 13.57 19.38 -11.17
CA ASP A 190 13.70 18.59 -12.39
C ASP A 190 12.48 17.72 -12.60
N ASN A 191 11.81 17.33 -11.51
CA ASN A 191 10.54 16.61 -11.62
C ASN A 191 9.49 17.45 -12.34
N ALA A 192 9.31 18.71 -11.92
CA ALA A 192 8.35 19.58 -12.61
C ALA A 192 8.80 19.84 -14.04
N ALA A 193 10.09 20.04 -14.25
CA ALA A 193 10.56 20.37 -15.58
C ALA A 193 10.33 19.22 -16.58
N GLU A 194 10.60 17.98 -16.15
CA GLU A 194 10.37 16.86 -17.08
C GLU A 194 8.91 16.78 -17.50
N VAL A 195 7.98 17.12 -16.61
CA VAL A 195 6.58 17.05 -16.97
C VAL A 195 6.18 18.23 -17.85
N LEU A 196 6.60 19.43 -17.49
CA LEU A 196 6.27 20.60 -18.30
C LEU A 196 6.83 20.46 -19.72
N ARG A 197 7.96 19.77 -19.86
CA ARG A 197 8.52 19.56 -21.20
C ARG A 197 7.56 18.80 -22.10
N GLU A 198 6.65 18.03 -21.53
CA GLU A 198 5.87 17.07 -22.30
C GLU A 198 4.44 17.50 -22.61
N ILE A 199 3.87 18.46 -21.88
CA ILE A 199 2.41 18.66 -21.88
C ILE A 199 2.02 19.93 -22.59
N ASP A 200 0.79 19.94 -23.10
CA ASP A 200 0.13 21.14 -23.61
C ASP A 200 -0.69 21.73 -22.48
N LEU A 201 -0.26 22.88 -21.95
CA LEU A 201 -0.92 23.45 -20.77
C LEU A 201 -2.39 23.75 -21.04
N GLU A 202 -2.71 24.25 -22.24
CA GLU A 202 -4.10 24.54 -22.57
C GLU A 202 -4.97 23.30 -22.46
N GLN A 203 -4.38 22.12 -22.64
CA GLN A 203 -5.10 20.85 -22.58
C GLN A 203 -4.94 20.15 -21.24
N THR A 204 -4.31 20.79 -20.26
CA THR A 204 -3.89 20.13 -19.04
C THR A 204 -4.75 20.57 -17.88
N LEU A 205 -5.23 19.59 -17.11
CA LEU A 205 -5.85 19.85 -15.82
C LEU A 205 -4.84 19.52 -14.71
N VAL A 206 -4.58 20.47 -13.83
CA VAL A 206 -3.59 20.29 -12.76
C VAL A 206 -4.34 20.00 -11.46
N VAL A 207 -4.10 18.84 -10.86
CA VAL A 207 -4.80 18.43 -9.64
C VAL A 207 -3.79 18.49 -8.50
N VAL A 208 -3.92 19.50 -7.64
CA VAL A 208 -3.07 19.65 -6.48
C VAL A 208 -3.70 18.89 -5.32
N VAL A 209 -3.00 17.87 -4.83
CA VAL A 209 -3.51 16.97 -3.82
C VAL A 209 -2.64 17.12 -2.59
N SER A 210 -3.22 17.65 -1.52
CA SER A 210 -2.48 17.81 -0.26
C SER A 210 -3.49 17.86 0.87
N LYS A 211 -3.47 16.84 1.73
CA LYS A 211 -4.43 16.77 2.83
C LYS A 211 -4.34 18.01 3.72
N SER A 212 -3.15 18.28 4.27
CA SER A 212 -2.96 19.45 5.12
C SER A 212 -3.21 20.75 4.37
N GLY A 213 -2.87 20.79 3.08
CA GLY A 213 -2.80 22.04 2.33
C GLY A 213 -1.57 22.88 2.59
N THR A 214 -0.55 22.35 3.30
CA THR A 214 0.60 23.15 3.68
C THR A 214 1.96 22.48 3.42
N THR A 215 2.00 21.29 2.83
CA THR A 215 3.27 20.61 2.58
C THR A 215 4.12 21.40 1.58
N LEU A 216 5.42 21.52 1.87
CA LEU A 216 6.29 22.34 1.03
C LEU A 216 6.26 21.92 -0.44
N GLU A 217 6.29 20.60 -0.72
CA GLU A 217 6.48 20.14 -2.10
C GLU A 217 5.29 20.49 -2.99
N PRO A 218 4.05 20.07 -2.68
CA PRO A 218 2.91 20.52 -3.50
C PRO A 218 2.85 22.03 -3.65
N ALA A 219 3.19 22.78 -2.59
CA ALA A 219 3.07 24.23 -2.65
C ALA A 219 4.11 24.83 -3.59
N ALA A 220 5.36 24.36 -3.49
CA ALA A 220 6.37 24.84 -4.43
C ALA A 220 6.02 24.40 -5.85
N ASN A 221 5.53 23.17 -6.02
CA ASN A 221 5.26 22.69 -7.36
C ASN A 221 4.06 23.41 -7.98
N GLU A 222 2.97 23.57 -7.20
CA GLU A 222 1.83 24.32 -7.70
C GLU A 222 2.23 25.72 -8.16
N GLU A 223 3.07 26.40 -7.36
CA GLU A 223 3.52 27.73 -7.75
C GLU A 223 4.32 27.68 -9.06
N LEU A 224 5.17 26.65 -9.22
CA LEU A 224 5.90 26.47 -10.47
C LEU A 224 4.95 26.32 -11.65
N PHE A 225 3.85 25.61 -11.47
CA PHE A 225 2.93 25.41 -12.58
C PHE A 225 2.09 26.66 -12.83
N ARG A 226 1.68 27.35 -11.76
CA ARG A 226 0.94 28.60 -11.92
C ARG A 226 1.72 29.60 -12.75
N GLN A 227 3.04 29.68 -12.51
CA GLN A 227 3.88 30.60 -13.27
C GLN A 227 3.96 30.20 -14.74
N ALA A 228 4.01 28.89 -15.01
CA ALA A 228 4.10 28.44 -16.39
C ALA A 228 2.84 28.79 -17.17
N TYR A 229 1.65 28.63 -16.56
CA TYR A 229 0.42 29.09 -17.20
C TYR A 229 0.44 30.58 -17.46
N GLN A 230 0.83 31.35 -16.45
CA GLN A 230 0.88 32.80 -16.60
C GLN A 230 1.91 33.23 -17.63
N ASN A 231 3.04 32.52 -17.75
CA ASN A 231 4.01 32.83 -18.78
C ASN A 231 3.46 32.57 -20.18
N LYS A 232 2.78 31.43 -20.36
CA LYS A 232 2.11 31.22 -21.64
C LYS A 232 0.88 32.10 -21.81
N GLY A 233 0.54 32.92 -20.82
CA GLY A 233 -0.61 33.82 -20.94
C GLY A 233 -1.95 33.12 -20.96
N LEU A 234 -2.16 32.15 -20.08
CA LEU A 234 -3.39 31.38 -20.00
C LEU A 234 -4.13 31.72 -18.72
N SER A 235 -5.46 31.72 -18.78
CA SER A 235 -6.23 31.83 -17.54
C SER A 235 -5.88 30.67 -16.64
N ILE A 236 -5.50 30.99 -15.41
CA ILE A 236 -4.85 30.02 -14.53
C ILE A 236 -5.86 29.22 -13.72
N ALA A 237 -6.77 29.89 -13.01
CA ALA A 237 -7.69 29.18 -12.14
C ALA A 237 -8.52 28.15 -12.89
N GLU A 238 -8.80 28.39 -14.18
CA GLU A 238 -9.61 27.45 -14.96
C GLU A 238 -8.99 26.06 -15.07
N HIS A 239 -7.69 25.90 -14.76
CA HIS A 239 -6.98 24.65 -14.96
C HIS A 239 -6.58 23.93 -13.67
N PHE A 240 -6.81 24.51 -12.49
CA PHE A 240 -6.33 23.96 -11.24
C PHE A 240 -7.48 23.45 -10.37
N VAL A 241 -7.38 22.20 -9.94
CA VAL A 241 -8.33 21.54 -9.06
C VAL A 241 -7.60 21.21 -7.77
N ALA A 242 -8.27 21.39 -6.63
CA ALA A 242 -7.69 21.02 -5.35
C ALA A 242 -8.40 19.81 -4.75
N VAL A 243 -7.61 18.99 -4.07
CA VAL A 243 -8.08 17.88 -3.26
C VAL A 243 -7.39 18.05 -1.91
N THR A 244 -8.17 18.34 -0.87
CA THR A 244 -7.60 18.67 0.43
C THR A 244 -8.61 18.39 1.52
N SER A 245 -8.11 18.38 2.77
CA SER A 245 -8.96 18.27 3.94
C SER A 245 -9.97 19.41 4.00
N GLN A 246 -11.17 19.12 4.51
CA GLN A 246 -12.18 20.16 4.63
C GLN A 246 -11.72 21.23 5.63
N GLY A 247 -11.91 22.49 5.28
CA GLY A 247 -11.46 23.59 6.13
C GLY A 247 -9.97 23.84 6.09
N SER A 248 -9.21 23.10 5.30
CA SER A 248 -7.79 23.33 5.08
C SER A 248 -7.53 24.70 4.45
N PRO A 249 -6.31 25.21 4.57
CA PRO A 249 -5.97 26.47 3.90
C PRO A 249 -6.13 26.43 2.39
N MET A 250 -6.22 25.22 1.82
CA MET A 250 -6.37 25.02 0.38
C MET A 250 -7.82 24.89 -0.05
N ASP A 251 -8.74 24.71 0.90
CA ASP A 251 -10.16 24.48 0.64
C ASP A 251 -10.79 25.81 0.20
N ASP A 252 -10.54 26.20 -1.06
CA ASP A 252 -10.68 27.59 -1.49
C ASP A 252 -11.22 27.62 -2.91
N LYS A 253 -12.52 27.78 -3.06
CA LYS A 253 -13.12 27.71 -4.39
C LYS A 253 -12.85 28.95 -5.24
N SER A 254 -12.33 30.02 -4.65
CA SER A 254 -11.91 31.20 -5.40
C SER A 254 -10.51 31.03 -5.99
N ARG A 255 -9.76 30.01 -5.59
CA ARG A 255 -8.45 29.77 -6.13
C ARG A 255 -8.40 28.55 -7.04
N TYR A 256 -9.44 27.71 -7.03
CA TYR A 256 -9.47 26.48 -7.80
C TYR A 256 -10.76 26.35 -8.60
N LEU A 257 -10.65 25.80 -9.80
CA LEU A 257 -11.82 25.50 -10.62
C LEU A 257 -12.80 24.61 -9.87
N GLU A 258 -12.29 23.66 -9.09
CA GLU A 258 -13.11 22.82 -8.24
C GLU A 258 -12.25 22.38 -7.06
N VAL A 259 -12.93 22.00 -5.98
CA VAL A 259 -12.26 21.57 -4.76
C VAL A 259 -12.97 20.32 -4.26
N PHE A 260 -12.21 19.22 -4.08
CA PHE A 260 -12.72 17.98 -3.50
C PHE A 260 -12.10 17.78 -2.11
N HIS A 261 -12.79 17.01 -1.28
CA HIS A 261 -12.43 16.87 0.12
C HIS A 261 -12.14 15.42 0.49
N LEU A 262 -11.16 15.24 1.35
CA LEU A 262 -11.07 14.14 2.29
C LEU A 262 -11.24 14.76 3.69
N TRP A 263 -10.94 13.99 4.73
CA TRP A 263 -11.14 14.45 6.11
C TRP A 263 -9.96 13.99 6.96
N ASP A 264 -9.94 14.46 8.22
CA ASP A 264 -8.79 14.26 9.10
C ASP A 264 -8.56 12.79 9.45
N SER A 265 -9.63 12.00 9.52
CA SER A 265 -9.56 10.59 9.85
C SER A 265 -9.21 9.71 8.65
N ILE A 266 -8.87 10.31 7.51
CA ILE A 266 -8.45 9.59 6.31
C ILE A 266 -6.93 9.72 6.23
N GLY A 267 -6.20 8.68 6.64
CA GLY A 267 -4.75 8.73 6.57
C GLY A 267 -4.25 8.80 5.14
N GLY A 268 -3.21 9.60 4.92
CA GLY A 268 -2.66 9.78 3.58
C GLY A 268 -2.31 8.49 2.89
N ARG A 269 -1.60 7.60 3.59
CA ARG A 269 -1.20 6.31 3.03
C ARG A 269 -2.38 5.34 2.90
N PHE A 270 -3.57 5.77 3.30
CA PHE A 270 -4.79 4.99 3.10
C PHE A 270 -5.82 5.75 2.27
N SER A 271 -5.40 6.74 1.48
CA SER A 271 -6.36 7.67 0.90
C SER A 271 -6.65 7.42 -0.58
N ALA A 272 -6.07 6.37 -1.18
CA ALA A 272 -6.27 6.13 -2.61
C ALA A 272 -7.73 5.90 -2.97
N THR A 273 -8.57 5.40 -2.05
CA THR A 273 -9.99 5.23 -2.33
C THR A 273 -10.81 6.49 -2.05
N SER A 274 -10.21 7.55 -1.53
CA SER A 274 -10.88 8.82 -1.36
C SER A 274 -10.72 9.62 -2.65
N MET A 275 -11.08 10.91 -2.61
CA MET A 275 -10.85 11.74 -3.78
C MET A 275 -9.37 11.93 -4.12
N VAL A 276 -8.46 11.57 -3.22
CA VAL A 276 -7.04 11.58 -3.53
C VAL A 276 -6.74 10.72 -4.76
N GLY A 277 -7.35 9.52 -4.82
CA GLY A 277 -7.30 8.70 -6.01
C GLY A 277 -8.47 8.92 -6.96
N GLY A 278 -9.60 9.41 -6.43
CA GLY A 278 -10.81 9.45 -7.24
C GLY A 278 -10.70 10.35 -8.46
N VAL A 279 -10.06 11.51 -8.29
CA VAL A 279 -9.96 12.47 -9.40
C VAL A 279 -9.10 11.91 -10.53
N VAL A 280 -7.87 11.51 -10.23
CA VAL A 280 -6.99 11.07 -11.30
C VAL A 280 -7.51 9.79 -11.93
N LEU A 281 -7.97 8.83 -11.11
CA LEU A 281 -8.51 7.59 -11.66
C LEU A 281 -9.77 7.86 -12.46
N GLY A 282 -10.68 8.67 -11.91
CA GLY A 282 -11.90 8.99 -12.64
C GLY A 282 -11.64 9.66 -13.97
N PHE A 283 -10.68 10.59 -14.02
CA PHE A 283 -10.37 11.27 -15.27
C PHE A 283 -9.74 10.32 -16.28
N ALA A 284 -8.80 9.48 -15.83
CA ALA A 284 -8.14 8.55 -16.73
C ALA A 284 -9.14 7.60 -17.35
N PHE A 285 -9.91 6.91 -16.52
CA PHE A 285 -10.68 5.75 -16.96
C PHE A 285 -12.18 5.93 -16.88
N GLY A 286 -12.67 7.10 -16.47
CA GLY A 286 -14.11 7.31 -16.33
C GLY A 286 -14.65 6.91 -14.98
N TYR A 287 -15.77 7.54 -14.58
CA TYR A 287 -16.33 7.38 -13.25
C TYR A 287 -16.57 5.92 -12.88
N GLU A 288 -17.25 5.17 -13.76
CA GLU A 288 -17.65 3.80 -13.45
C GLU A 288 -16.46 2.93 -13.08
N ALA A 289 -15.29 3.21 -13.64
CA ALA A 289 -14.11 2.42 -13.28
C ALA A 289 -13.69 2.71 -11.85
N PHE A 290 -13.80 3.97 -11.40
CA PHE A 290 -13.49 4.28 -10.00
C PHE A 290 -14.46 3.60 -9.04
N ILE A 291 -15.74 3.52 -9.42
CA ILE A 291 -16.71 2.82 -8.57
C ILE A 291 -16.38 1.34 -8.47
N GLU A 292 -15.98 0.71 -9.59
CA GLU A 292 -15.59 -0.70 -9.54
C GLU A 292 -14.41 -0.89 -8.62
N PHE A 293 -13.44 0.02 -8.68
CA PHE A 293 -12.30 0.03 -7.75
C PHE A 293 -12.77 0.12 -6.31
N LEU A 294 -13.77 0.99 -6.02
CA LEU A 294 -14.31 1.09 -4.67
C LEU A 294 -15.02 -0.19 -4.25
N GLN A 295 -15.79 -0.81 -5.15
CA GLN A 295 -16.48 -2.05 -4.79
C GLN A 295 -15.49 -3.14 -4.43
N GLY A 296 -14.35 -3.21 -5.12
CA GLY A 296 -13.35 -4.21 -4.79
C GLY A 296 -12.77 -4.03 -3.40
N ALA A 297 -12.47 -2.78 -3.04
CA ALA A 297 -12.00 -2.49 -1.69
C ALA A 297 -13.08 -2.79 -0.64
N ALA A 298 -14.31 -2.30 -0.86
CA ALA A 298 -15.35 -2.53 0.13
C ALA A 298 -15.59 -4.03 0.37
N ALA A 299 -15.44 -4.84 -0.67
CA ALA A 299 -15.64 -6.28 -0.51
C ALA A 299 -14.60 -6.89 0.42
N ILE A 300 -13.36 -6.40 0.38
CA ILE A 300 -12.33 -6.91 1.29
C ILE A 300 -12.53 -6.36 2.70
N ASP A 301 -12.90 -5.08 2.83
CA ASP A 301 -13.32 -4.55 4.13
C ASP A 301 -14.31 -5.48 4.82
N ALA A 302 -15.32 -5.94 4.09
CA ALA A 302 -16.29 -6.84 4.72
C ALA A 302 -15.67 -8.19 5.03
N HIS A 303 -14.81 -8.69 4.13
CA HIS A 303 -14.23 -10.02 4.31
C HIS A 303 -13.26 -10.06 5.47
N ALA A 304 -12.61 -8.92 5.80
CA ALA A 304 -11.60 -8.86 6.86
C ALA A 304 -12.17 -9.03 8.26
N LEU A 305 -13.51 -9.06 8.41
CA LEU A 305 -14.17 -9.34 9.67
C LEU A 305 -14.37 -10.83 9.92
N THR A 306 -13.91 -11.69 9.01
CA THR A 306 -14.06 -13.12 9.16
C THR A 306 -13.20 -13.62 10.32
N PRO A 307 -13.78 -14.27 11.33
CA PRO A 307 -13.02 -14.51 12.56
C PRO A 307 -11.97 -15.61 12.47
N LYS A 308 -12.17 -16.65 11.65
CA LYS A 308 -11.16 -17.70 11.52
C LYS A 308 -10.02 -17.19 10.64
N MET A 309 -8.81 -17.13 11.22
CA MET A 309 -7.61 -16.71 10.50
C MET A 309 -7.47 -17.45 9.17
N ARG A 310 -7.65 -18.77 9.18
CA ARG A 310 -7.48 -19.55 7.96
C ARG A 310 -8.51 -19.21 6.89
N GLU A 311 -9.63 -18.57 7.25
CA GLU A 311 -10.63 -18.18 6.27
C GLU A 311 -10.62 -16.68 5.95
N ASN A 312 -9.52 -15.96 6.24
CA ASN A 312 -9.47 -14.50 6.21
C ASN A 312 -8.15 -14.07 5.56
N LEU A 313 -8.22 -13.49 4.35
CA LEU A 313 -6.99 -13.21 3.60
C LEU A 313 -6.08 -12.23 4.34
N PRO A 314 -6.50 -10.99 4.67
CA PRO A 314 -5.56 -10.08 5.33
C PRO A 314 -5.13 -10.55 6.72
N LEU A 315 -5.99 -11.25 7.45
CA LEU A 315 -5.62 -11.74 8.78
C LEU A 315 -4.58 -12.85 8.69
N LEU A 316 -4.74 -13.77 7.74
CA LEU A 316 -3.74 -14.82 7.54
C LEU A 316 -2.41 -14.23 7.10
N SER A 317 -2.44 -13.34 6.12
CA SER A 317 -1.20 -12.75 5.63
C SER A 317 -0.50 -11.98 6.75
N ALA A 318 -1.26 -11.27 7.58
CA ALA A 318 -0.68 -10.57 8.72
C ALA A 318 -0.01 -11.54 9.70
N MET A 319 -0.68 -12.66 10.03
CA MET A 319 -0.13 -13.56 11.04
C MET A 319 1.05 -14.36 10.49
N LEU A 320 1.00 -14.76 9.23
CA LEU A 320 2.19 -15.36 8.60
C LEU A 320 3.35 -14.38 8.58
N GLY A 321 3.08 -13.08 8.39
CA GLY A 321 4.14 -12.09 8.47
C GLY A 321 4.73 -12.00 9.87
N VAL A 322 3.86 -12.04 10.89
CA VAL A 322 4.30 -12.00 12.28
C VAL A 322 5.13 -13.24 12.60
N TRP A 323 4.72 -14.40 12.08
CA TRP A 323 5.52 -15.62 12.20
C TRP A 323 6.91 -15.42 11.62
N ASN A 324 7.00 -14.91 10.39
CA ASN A 324 8.30 -14.70 9.78
C ASN A 324 9.10 -13.62 10.50
N ARG A 325 8.45 -12.51 10.87
CA ARG A 325 9.19 -11.37 11.39
C ARG A 325 9.64 -11.60 12.84
N ASN A 326 8.69 -11.87 13.74
CA ASN A 326 8.99 -11.99 15.16
C ASN A 326 9.40 -13.40 15.57
N LEU A 327 8.84 -14.43 14.98
CA LEU A 327 9.16 -15.76 15.50
C LEU A 327 10.38 -16.37 14.83
N LEU A 328 10.52 -16.23 13.51
CA LEU A 328 11.68 -16.74 12.80
C LEU A 328 12.80 -15.73 12.66
N GLY A 329 12.48 -14.44 12.84
CA GLY A 329 13.47 -13.39 12.91
C GLY A 329 13.89 -12.77 11.59
N TYR A 330 13.11 -12.92 10.53
CA TYR A 330 13.54 -12.34 9.25
C TYR A 330 13.18 -10.85 9.22
N PRO A 331 14.15 -9.95 9.04
CA PRO A 331 13.87 -8.51 9.15
C PRO A 331 13.28 -7.85 7.90
N THR A 332 13.09 -8.57 6.79
CA THR A 332 12.53 -7.97 5.58
C THR A 332 11.45 -8.88 5.01
N THR A 333 10.69 -8.32 4.05
CA THR A 333 9.74 -9.02 3.20
C THR A 333 9.85 -8.45 1.80
N ALA A 334 10.02 -9.31 0.81
CA ALA A 334 10.01 -8.94 -0.60
C ALA A 334 8.63 -9.20 -1.20
N VAL A 335 8.02 -8.18 -1.77
CA VAL A 335 6.77 -8.32 -2.51
C VAL A 335 7.09 -8.39 -3.99
N ILE A 336 6.71 -9.49 -4.64
CA ILE A 336 7.16 -9.78 -6.00
C ILE A 336 5.97 -9.95 -6.94
N PRO A 337 5.48 -8.87 -7.57
CA PRO A 337 4.33 -9.03 -8.50
C PRO A 337 4.78 -9.50 -9.89
N TYR A 338 4.16 -10.58 -10.37
CA TYR A 338 4.39 -11.05 -11.75
C TYR A 338 3.37 -10.36 -12.65
N SER A 339 3.56 -9.05 -12.79
CA SER A 339 2.50 -8.17 -13.29
C SER A 339 3.06 -6.80 -13.64
N THR A 340 3.12 -6.49 -14.95
CA THR A 340 3.61 -5.18 -15.38
C THR A 340 2.73 -4.08 -14.81
N GLY A 341 1.42 -4.30 -14.76
CA GLY A 341 0.51 -3.31 -14.19
C GLY A 341 0.81 -2.96 -12.76
N LEU A 342 1.35 -3.90 -11.99
CA LEU A 342 1.71 -3.66 -10.60
C LEU A 342 3.15 -3.14 -10.43
N LYS A 343 3.72 -2.52 -11.46
CA LYS A 343 5.10 -2.06 -11.38
C LYS A 343 5.31 -1.06 -10.24
N TYR A 344 4.28 -0.28 -9.89
CA TYR A 344 4.43 0.70 -8.81
C TYR A 344 3.78 0.28 -7.52
N PHE A 345 3.25 -0.95 -7.42
CA PHE A 345 2.50 -1.37 -6.25
C PHE A 345 3.41 -1.58 -5.03
N THR A 346 4.60 -2.14 -5.23
CA THR A 346 5.52 -2.39 -4.11
C THR A 346 5.99 -1.09 -3.46
N ALA A 347 6.22 -0.05 -4.27
CA ALA A 347 6.63 1.23 -3.69
C ALA A 347 5.55 1.77 -2.75
N HIS A 348 4.28 1.63 -3.16
CA HIS A 348 3.19 2.07 -2.29
C HIS A 348 3.05 1.20 -1.05
N LEU A 349 3.14 -0.12 -1.20
CA LEU A 349 3.09 -1.01 -0.05
C LEU A 349 4.21 -0.67 0.93
N GLN A 350 5.40 -0.40 0.41
CA GLN A 350 6.53 -0.05 1.26
C GLN A 350 6.22 1.17 2.12
N GLN A 351 5.55 2.18 1.56
CA GLN A 351 5.13 3.32 2.37
C GLN A 351 4.06 2.89 3.38
N CYS A 352 3.07 2.13 2.91
CA CYS A 352 1.91 1.89 3.74
C CYS A 352 2.26 1.03 4.94
N GLY A 353 3.12 0.03 4.74
CA GLY A 353 3.57 -0.85 5.81
C GLY A 353 4.62 -0.24 6.71
N MET A 354 5.68 0.35 6.13
CA MET A 354 6.77 0.87 6.95
C MET A 354 6.40 2.18 7.64
N GLU A 355 5.61 3.03 6.99
CA GLU A 355 5.19 4.25 7.68
C GLU A 355 4.16 3.94 8.78
N SER A 356 3.28 2.97 8.54
CA SER A 356 2.30 2.62 9.56
C SER A 356 2.97 1.94 10.75
N ASN A 357 3.79 0.93 10.49
CA ASN A 357 4.23 0.05 11.56
C ASN A 357 5.70 0.24 11.89
N GLY A 358 6.35 1.26 11.33
CA GLY A 358 7.70 1.57 11.73
C GLY A 358 7.73 2.33 13.05
N LYS A 359 7.37 1.65 14.12
CA LYS A 359 7.14 2.29 15.42
C LYS A 359 7.86 1.51 16.50
N SER A 360 8.15 2.19 17.61
CA SER A 360 8.85 1.50 18.69
C SER A 360 8.31 1.92 20.05
N ILE A 361 7.04 2.34 20.11
CA ILE A 361 6.30 2.52 21.35
C ILE A 361 4.88 1.98 21.14
N SER A 362 4.28 1.49 22.23
CA SER A 362 2.93 0.92 22.24
C SER A 362 1.88 2.03 22.32
N ARG A 363 0.62 1.66 22.00
CA ARG A 363 -0.50 2.59 22.15
C ARG A 363 -0.66 3.05 23.60
N GLU A 364 -0.02 2.37 24.55
CA GLU A 364 0.00 2.80 25.94
C GLU A 364 1.23 3.66 26.29
N GLY A 365 2.04 4.03 25.30
CA GLY A 365 3.19 4.88 25.55
C GLY A 365 4.44 4.19 26.05
N LYS A 366 4.47 2.86 26.11
CA LYS A 366 5.63 2.11 26.60
C LYS A 366 6.53 1.72 25.44
N GLU A 367 7.85 1.85 25.66
CA GLU A 367 8.83 1.36 24.69
C GLU A 367 8.72 -0.16 24.60
N ILE A 368 8.71 -0.69 23.39
CA ILE A 368 8.49 -2.12 23.17
C ILE A 368 9.82 -2.86 23.16
N SER A 369 9.75 -4.17 23.38
CA SER A 369 10.94 -5.02 23.42
C SER A 369 10.96 -6.04 22.28
N PHE A 370 10.21 -5.79 21.23
CA PHE A 370 10.21 -6.65 20.06
C PHE A 370 10.27 -5.76 18.83
N ARG A 371 10.36 -6.38 17.66
CA ARG A 371 10.53 -5.67 16.41
C ARG A 371 9.18 -5.55 15.69
N THR A 372 8.96 -4.41 15.05
CA THR A 372 7.70 -4.20 14.35
C THR A 372 7.88 -4.32 12.84
N SER A 373 7.62 -3.26 12.08
CA SER A 373 7.59 -3.38 10.63
C SER A 373 8.92 -3.92 10.11
N PRO A 374 8.91 -4.88 9.20
CA PRO A 374 10.13 -5.20 8.44
C PRO A 374 10.34 -4.20 7.33
N ILE A 375 11.53 -4.27 6.72
CA ILE A 375 11.77 -3.57 5.46
C ILE A 375 10.90 -4.21 4.40
N ILE A 376 10.14 -3.40 3.69
CA ILE A 376 9.33 -3.87 2.58
C ILE A 376 10.01 -3.39 1.31
N TRP A 377 10.32 -4.33 0.43
CA TRP A 377 11.04 -4.05 -0.80
C TRP A 377 10.63 -5.09 -1.84
N GLY A 378 11.09 -4.92 -3.07
CA GLY A 378 10.76 -5.88 -4.10
C GLY A 378 10.65 -5.22 -5.45
N ASP A 379 10.39 -6.06 -6.46
CA ASP A 379 10.21 -5.65 -7.84
C ASP A 379 9.50 -6.77 -8.57
N VAL A 380 9.26 -6.58 -9.88
CA VAL A 380 8.38 -7.49 -10.62
C VAL A 380 9.15 -8.72 -11.08
N GLY A 381 8.40 -9.80 -11.32
CA GLY A 381 8.87 -10.94 -12.06
C GLY A 381 8.32 -10.90 -13.48
N THR A 382 9.04 -11.54 -14.41
CA THR A 382 10.23 -12.37 -14.15
C THR A 382 11.56 -11.59 -13.99
N ASN A 383 11.56 -10.26 -14.15
CA ASN A 383 12.84 -9.53 -14.08
C ASN A 383 13.64 -9.90 -12.83
N CYS A 384 12.97 -10.01 -11.68
CA CYS A 384 13.64 -10.29 -10.41
C CYS A 384 14.45 -11.59 -10.47
N GLN A 385 14.01 -12.58 -11.24
CA GLN A 385 14.76 -13.83 -11.39
C GLN A 385 16.17 -13.63 -11.97
N HIS A 386 16.40 -12.53 -12.67
CA HIS A 386 17.69 -12.28 -13.30
C HIS A 386 18.59 -11.39 -12.48
N SER A 387 18.14 -10.97 -11.30
CA SER A 387 18.90 -10.01 -10.53
C SER A 387 19.04 -10.44 -9.07
N PHE A 388 18.26 -9.84 -8.16
CA PHE A 388 18.50 -10.08 -6.74
C PHE A 388 17.97 -11.43 -6.28
N PHE A 389 17.23 -12.16 -7.11
CA PHE A 389 16.92 -13.54 -6.75
C PHE A 389 18.17 -14.38 -6.55
N GLN A 390 19.30 -14.02 -7.18
CA GLN A 390 20.58 -14.65 -6.84
C GLN A 390 20.76 -14.73 -5.32
N SER A 391 20.47 -13.63 -4.59
CA SER A 391 20.69 -13.61 -3.15
C SER A 391 19.61 -14.40 -2.39
N LEU A 392 18.38 -14.41 -2.88
CA LEU A 392 17.36 -15.24 -2.23
C LEU A 392 17.74 -16.72 -2.30
N HIS A 393 18.28 -17.16 -3.46
CA HIS A 393 18.61 -18.58 -3.65
C HIS A 393 19.93 -18.98 -2.98
N GLN A 394 20.90 -18.06 -2.85
CA GLN A 394 22.25 -18.45 -2.47
C GLN A 394 22.98 -17.47 -1.57
N GLY A 395 22.36 -16.35 -1.20
CA GLY A 395 22.94 -15.45 -0.22
C GLY A 395 22.83 -16.00 1.18
N THR A 396 23.33 -15.22 2.13
CA THR A 396 23.48 -15.66 3.50
C THR A 396 22.24 -15.37 4.37
N ASP A 397 21.24 -14.64 3.87
CA ASP A 397 20.13 -14.18 4.70
C ASP A 397 18.80 -14.60 4.06
N ILE A 398 17.90 -15.18 4.86
CA ILE A 398 16.58 -15.54 4.37
C ILE A 398 15.74 -14.29 4.18
N VAL A 399 15.09 -14.20 3.02
CA VAL A 399 14.13 -13.15 2.69
C VAL A 399 12.79 -13.81 2.38
N PRO A 400 11.80 -13.67 3.25
CA PRO A 400 10.44 -14.15 2.91
C PRO A 400 9.83 -13.36 1.75
N VAL A 401 9.13 -14.08 0.86
CA VAL A 401 8.60 -13.49 -0.36
C VAL A 401 7.08 -13.59 -0.38
N GLU A 402 6.43 -12.54 -0.84
CA GLU A 402 5.02 -12.51 -1.18
C GLU A 402 4.91 -12.40 -2.71
N PHE A 403 4.58 -13.51 -3.36
CA PHE A 403 4.39 -13.51 -4.81
C PHE A 403 2.97 -13.05 -5.14
N ILE A 404 2.85 -12.22 -6.16
CA ILE A 404 1.54 -11.82 -6.67
C ILE A 404 1.48 -12.11 -8.15
N GLY A 405 0.43 -12.85 -8.57
CA GLY A 405 0.32 -13.22 -9.96
C GLY A 405 -1.11 -13.31 -10.46
N PHE A 406 -1.22 -13.47 -11.78
CA PHE A 406 -2.52 -13.54 -12.44
C PHE A 406 -2.48 -14.62 -13.50
N LEU A 407 -3.66 -15.22 -13.76
CA LEU A 407 -3.79 -16.22 -14.80
C LEU A 407 -3.84 -15.63 -16.20
N HIS A 408 -4.17 -14.35 -16.34
CA HIS A 408 -4.41 -13.76 -17.66
C HIS A 408 -3.87 -12.35 -17.72
N ASN A 409 -3.44 -11.95 -18.91
CA ASN A 409 -2.93 -10.60 -19.07
C ASN A 409 -4.08 -9.59 -19.18
N GLN A 410 -3.73 -8.32 -19.04
CA GLN A 410 -4.73 -7.26 -19.11
C GLN A 410 -5.02 -6.83 -20.53
N ARG A 411 -4.02 -6.81 -21.40
CA ARG A 411 -4.15 -6.06 -22.64
C ARG A 411 -4.52 -6.92 -23.85
N GLY A 412 -4.59 -8.24 -23.70
CA GLY A 412 -5.04 -9.11 -24.77
C GLY A 412 -4.03 -9.45 -25.83
N LEU A 413 -2.75 -9.06 -25.68
CA LEU A 413 -1.73 -9.41 -26.66
C LEU A 413 -0.88 -10.56 -26.12
N ASP A 414 -0.80 -11.64 -26.88
CA ASP A 414 -0.05 -12.81 -26.46
C ASP A 414 0.24 -13.65 -27.70
N CYS A 415 0.95 -14.75 -27.47
CA CYS A 415 1.67 -15.47 -28.51
C CYS A 415 1.89 -16.88 -28.03
N VAL A 416 1.58 -17.87 -28.86
CA VAL A 416 1.84 -19.26 -28.53
C VAL A 416 3.22 -19.63 -29.04
N LEU A 417 4.10 -20.08 -28.13
CA LEU A 417 5.45 -20.50 -28.48
C LEU A 417 5.77 -21.77 -27.71
N SER A 418 6.12 -22.82 -28.44
CA SER A 418 6.43 -24.15 -27.87
C SER A 418 5.28 -24.69 -27.02
N GLY A 419 4.04 -24.46 -27.45
CA GLY A 419 2.88 -25.03 -26.80
C GLY A 419 2.28 -24.21 -25.68
N SER A 420 2.80 -23.01 -25.38
CA SER A 420 2.18 -22.22 -24.32
C SER A 420 2.24 -20.74 -24.63
N SER A 421 1.30 -20.00 -24.07
CA SER A 421 1.30 -18.56 -24.15
C SER A 421 2.27 -17.98 -23.12
N SER A 422 2.66 -16.72 -23.34
CA SER A 422 3.55 -16.04 -22.43
C SER A 422 2.88 -15.72 -21.09
N SER A 423 1.57 -15.45 -21.08
CA SER A 423 0.87 -15.38 -19.79
C SER A 423 1.09 -16.66 -18.99
N GLN A 424 1.03 -17.82 -19.63
CA GLN A 424 1.27 -19.08 -18.95
C GLN A 424 2.73 -19.19 -18.50
N LYS A 425 3.68 -18.88 -19.38
CA LYS A 425 5.08 -18.90 -18.97
C LYS A 425 5.32 -17.98 -17.77
N LEU A 426 4.69 -16.80 -17.77
CA LEU A 426 4.79 -15.88 -16.64
C LEU A 426 4.34 -16.53 -15.32
N PHE A 427 3.15 -17.13 -15.30
CA PHE A 427 2.66 -17.73 -14.08
C PHE A 427 3.52 -18.92 -13.66
N ALA A 428 3.91 -19.77 -14.63
CA ALA A 428 4.68 -20.96 -14.34
C ALA A 428 6.03 -20.62 -13.71
N ASN A 429 6.67 -19.57 -14.20
CA ASN A 429 7.91 -19.10 -13.59
C ASN A 429 7.72 -18.75 -12.12
N LEU A 430 6.64 -18.04 -11.78
CA LEU A 430 6.36 -17.73 -10.38
C LEU A 430 6.25 -19.01 -9.55
N VAL A 431 5.44 -19.96 -9.99
CA VAL A 431 5.26 -21.22 -9.28
C VAL A 431 6.60 -21.94 -9.12
N ALA A 432 7.37 -22.04 -10.21
CA ALA A 432 8.63 -22.78 -10.14
C ALA A 432 9.58 -22.17 -9.12
N GLN A 433 9.57 -20.83 -8.98
CA GLN A 433 10.53 -20.16 -8.11
C GLN A 433 10.16 -20.31 -6.65
N SER A 434 8.87 -20.18 -6.33
CA SER A 434 8.39 -20.44 -4.98
C SER A 434 8.75 -21.85 -4.52
N LEU A 435 8.40 -22.86 -5.34
CA LEU A 435 8.81 -24.23 -5.03
C LEU A 435 10.32 -24.37 -4.88
N ALA A 436 11.09 -23.75 -5.79
CA ALA A 436 12.53 -23.85 -5.73
C ALA A 436 13.07 -23.20 -4.46
N LEU A 437 12.54 -22.03 -4.10
CA LEU A 437 12.98 -21.34 -2.88
C LEU A 437 12.68 -22.18 -1.64
N ALA A 438 11.53 -22.86 -1.63
CA ALA A 438 11.15 -23.66 -0.46
C ALA A 438 11.90 -24.99 -0.39
N GLN A 439 12.09 -25.67 -1.53
CA GLN A 439 12.65 -27.01 -1.50
C GLN A 439 14.16 -27.04 -1.67
N GLY A 440 14.74 -26.07 -2.38
CA GLY A 440 16.15 -26.10 -2.67
C GLY A 440 16.55 -27.28 -3.56
N ARG A 441 17.86 -27.49 -3.63
CA ARG A 441 18.51 -28.48 -4.50
C ARG A 441 19.88 -28.85 -3.96
N ASP A 442 20.10 -30.12 -3.64
CA ASP A 442 21.44 -30.54 -3.30
C ASP A 442 22.32 -30.51 -4.55
N ASN A 443 23.64 -30.52 -4.33
CA ASN A 443 24.60 -30.58 -5.42
C ASN A 443 25.97 -30.94 -4.86
N ALA A 444 26.73 -31.73 -5.62
CA ALA A 444 28.10 -32.02 -5.21
C ALA A 444 28.97 -30.77 -5.30
N ASN A 445 28.69 -29.91 -6.28
CA ASN A 445 29.37 -28.63 -6.42
C ASN A 445 28.76 -27.61 -5.48
N PRO A 446 29.51 -27.08 -4.50
CA PRO A 446 28.91 -26.09 -3.59
C PRO A 446 28.42 -24.83 -4.29
N ASN A 447 29.05 -24.42 -5.39
CA ASN A 447 28.60 -23.24 -6.12
C ASN A 447 27.20 -23.41 -6.72
N LYS A 448 26.73 -24.64 -6.83
CA LYS A 448 25.47 -24.93 -7.51
C LYS A 448 24.44 -25.51 -6.57
N ARG A 449 24.63 -25.42 -5.27
CA ARG A 449 23.63 -25.96 -4.39
C ARG A 449 22.78 -24.85 -3.78
N PHE A 450 21.55 -25.22 -3.45
CA PHE A 450 20.50 -24.31 -3.02
C PHE A 450 19.90 -24.91 -1.75
N LYS A 451 20.08 -24.22 -0.63
CA LYS A 451 19.74 -24.77 0.67
C LYS A 451 18.24 -24.82 0.88
N GLY A 452 17.49 -23.92 0.23
CA GLY A 452 16.05 -23.96 0.32
C GLY A 452 15.58 -23.43 1.67
N ASN A 453 14.37 -23.84 2.05
CA ASN A 453 13.73 -23.39 3.28
C ASN A 453 13.55 -21.87 3.33
N SER A 454 13.47 -21.25 2.16
CA SER A 454 13.21 -19.81 2.10
C SER A 454 11.71 -19.65 1.83
N PRO A 455 10.95 -19.07 2.75
CA PRO A 455 9.49 -19.17 2.68
C PRO A 455 8.86 -18.18 1.72
N SER A 456 7.66 -18.54 1.24
CA SER A 456 6.92 -17.64 0.37
C SER A 456 5.45 -18.01 0.38
N SER A 457 4.62 -17.05 -0.05
CA SER A 457 3.21 -17.26 -0.32
C SER A 457 2.89 -16.78 -1.73
N ILE A 458 1.72 -17.19 -2.21
CA ILE A 458 1.27 -16.98 -3.58
C ILE A 458 -0.17 -16.49 -3.52
N LEU A 459 -0.41 -15.30 -4.05
CA LEU A 459 -1.75 -14.75 -4.18
C LEU A 459 -2.05 -14.54 -5.65
N VAL A 460 -3.16 -15.12 -6.13
CA VAL A 460 -3.49 -15.08 -7.56
C VAL A 460 -4.96 -14.71 -7.75
N ALA A 461 -5.22 -13.88 -8.75
CA ALA A 461 -6.57 -13.64 -9.27
C ALA A 461 -6.59 -13.98 -10.75
N GLN A 462 -7.80 -14.11 -11.31
CA GLN A 462 -7.93 -14.41 -12.74
C GLN A 462 -7.24 -13.36 -13.60
N GLN A 463 -7.46 -12.08 -13.29
CA GLN A 463 -6.98 -11.01 -14.14
C GLN A 463 -7.00 -9.74 -13.32
N LEU A 464 -5.96 -8.93 -13.49
CA LEU A 464 -5.93 -7.63 -12.86
C LEU A 464 -7.00 -6.74 -13.49
N SER A 465 -7.77 -6.06 -12.65
CA SER A 465 -8.88 -5.25 -13.09
C SER A 465 -9.06 -4.11 -12.09
N PRO A 466 -9.91 -3.13 -12.39
CA PRO A 466 -10.24 -2.13 -11.36
C PRO A 466 -10.70 -2.76 -10.06
N ARG A 467 -11.63 -3.71 -10.12
CA ARG A 467 -12.13 -4.35 -8.91
C ARG A 467 -11.01 -5.06 -8.14
N ILE A 468 -10.24 -5.87 -8.85
CA ILE A 468 -9.16 -6.64 -8.23
C ILE A 468 -8.08 -5.71 -7.67
N ALA A 469 -7.76 -4.63 -8.39
CA ALA A 469 -6.86 -3.61 -7.86
C ALA A 469 -7.37 -3.07 -6.54
N GLY A 470 -8.67 -2.78 -6.45
CA GLY A 470 -9.24 -2.31 -5.20
C GLY A 470 -9.17 -3.34 -4.10
N SER A 471 -9.43 -4.60 -4.42
CA SER A 471 -9.34 -5.65 -3.41
C SER A 471 -7.90 -5.82 -2.93
N LEU A 472 -6.94 -5.78 -3.86
CA LEU A 472 -5.53 -5.93 -3.48
C LEU A 472 -5.08 -4.79 -2.59
N LEU A 473 -5.49 -3.56 -2.92
CA LEU A 473 -5.17 -2.43 -2.08
C LEU A 473 -5.71 -2.63 -0.67
N ALA A 474 -7.01 -2.93 -0.56
CA ALA A 474 -7.62 -3.07 0.77
C ALA A 474 -7.00 -4.25 1.52
N PHE A 475 -6.66 -5.31 0.79
CA PHE A 475 -5.98 -6.47 1.38
C PHE A 475 -4.75 -6.05 2.18
N TYR A 476 -3.88 -5.24 1.57
CA TYR A 476 -2.65 -4.86 2.23
C TYR A 476 -2.90 -3.83 3.32
N GLU A 477 -3.85 -2.92 3.10
CA GLU A 477 -4.24 -1.99 4.16
C GLU A 477 -4.62 -2.75 5.42
N HIS A 478 -5.41 -3.81 5.28
CA HIS A 478 -5.84 -4.55 6.46
C HIS A 478 -4.76 -5.47 7.00
N LYS A 479 -3.94 -6.06 6.13
CA LYS A 479 -2.76 -6.80 6.59
C LYS A 479 -1.94 -5.97 7.57
N PHE A 480 -1.60 -4.73 7.18
CA PHE A 480 -0.75 -3.91 8.03
C PHE A 480 -1.49 -3.48 9.29
N ALA A 481 -2.80 -3.19 9.17
CA ALA A 481 -3.60 -2.87 10.35
C ALA A 481 -3.64 -4.04 11.33
N PHE A 482 -3.83 -5.27 10.82
CA PHE A 482 -3.86 -6.41 11.71
C PHE A 482 -2.51 -6.60 12.39
N GLN A 483 -1.41 -6.38 11.65
CA GLN A 483 -0.09 -6.50 12.29
C GLN A 483 0.08 -5.44 13.38
N GLY A 484 -0.33 -4.20 13.11
CA GLY A 484 -0.28 -3.17 14.15
C GLY A 484 -1.14 -3.52 15.35
N PHE A 485 -2.37 -4.04 15.11
CA PHE A 485 -3.25 -4.42 16.20
C PHE A 485 -2.63 -5.53 17.04
N CYS A 486 -1.90 -6.43 16.38
CA CYS A 486 -1.26 -7.53 17.08
C CYS A 486 -0.06 -7.03 17.90
N TRP A 487 0.83 -6.25 17.27
CA TRP A 487 1.93 -5.62 17.99
C TRP A 487 1.45 -4.66 19.09
N GLY A 488 0.24 -4.10 18.95
CA GLY A 488 -0.23 -3.12 19.92
C GLY A 488 0.36 -1.73 19.75
N ILE A 489 0.72 -1.37 18.52
CA ILE A 489 1.30 -0.06 18.24
C ILE A 489 0.23 0.79 17.57
N ASN A 490 0.52 2.09 17.39
CA ASN A 490 -0.39 2.98 16.67
C ASN A 490 0.05 3.02 15.21
N SER A 491 -0.70 2.30 14.36
CA SER A 491 -0.36 2.24 12.94
C SER A 491 -0.70 3.52 12.18
N PHE A 492 -1.34 4.51 12.80
CA PHE A 492 -2.03 5.52 12.00
C PHE A 492 -1.53 6.93 12.18
N ASP A 493 -0.45 7.15 12.93
CA ASP A 493 0.23 8.43 12.91
C ASP A 493 1.63 8.26 12.33
N GLN A 494 2.42 9.34 12.36
CA GLN A 494 3.69 9.32 11.65
C GLN A 494 4.57 10.46 12.15
N GLU A 495 4.97 10.40 13.43
CA GLU A 495 5.76 11.48 14.00
C GLU A 495 7.12 11.63 13.33
N GLY A 496 7.64 10.56 12.70
CA GLY A 496 8.86 10.69 11.91
C GLY A 496 8.67 11.57 10.68
N VAL A 497 7.50 11.47 10.03
CA VAL A 497 7.22 12.29 8.85
C VAL A 497 6.89 13.74 9.26
N SER A 498 6.18 13.93 10.37
CA SER A 498 6.02 15.28 10.92
C SER A 498 7.38 15.93 11.16
N LEU A 499 8.34 15.17 11.69
CA LEU A 499 9.68 15.69 11.92
C LEU A 499 10.34 16.10 10.60
N GLY A 500 10.16 15.29 9.56
CA GLY A 500 10.70 15.68 8.25
C GLY A 500 10.15 17.00 7.78
N LYS A 501 8.83 17.19 7.88
CA LYS A 501 8.25 18.46 7.47
C LYS A 501 8.74 19.60 8.36
N GLU A 502 8.99 19.33 9.65
CA GLU A 502 9.51 20.39 10.52
C GLU A 502 10.95 20.75 10.16
N LEU A 503 11.79 19.76 9.86
CA LEU A 503 13.14 20.04 9.36
C LEU A 503 13.09 20.89 8.09
N ALA A 504 12.13 20.61 7.20
CA ALA A 504 11.99 21.37 5.96
C ALA A 504 11.66 22.84 6.24
N THR A 505 10.74 23.09 7.18
CA THR A 505 10.45 24.47 7.60
C THR A 505 11.69 25.16 8.13
N GLN A 506 12.51 24.45 8.90
CA GLN A 506 13.63 25.09 9.57
C GLN A 506 14.78 25.35 8.60
N ILE A 507 15.05 24.41 7.68
CA ILE A 507 16.14 24.66 6.72
C ILE A 507 15.77 25.81 5.77
N ILE A 508 14.47 25.98 5.51
CA ILE A 508 14.00 27.16 4.77
C ILE A 508 14.35 28.43 5.53
N GLY A 509 13.98 28.48 6.82
CA GLY A 509 14.32 29.64 7.63
C GLY A 509 15.83 29.86 7.75
N ILE A 510 16.60 28.77 7.79
CA ILE A 510 18.05 28.89 7.91
C ILE A 510 18.66 29.51 6.65
N MET A 511 18.01 29.32 5.50
CA MET A 511 18.50 29.83 4.22
C MET A 511 17.82 31.14 3.81
N SER A 512 16.91 31.67 4.64
CA SER A 512 16.22 32.93 4.36
C SER A 512 16.80 34.09 5.17
N GLU A 518 19.52 28.01 16.88
CA GLU A 518 18.08 27.84 17.07
C GLU A 518 17.71 26.37 17.20
N PHE A 519 17.64 25.64 16.06
CA PHE A 519 17.25 24.24 16.13
C PHE A 519 18.46 23.32 16.13
N PRO A 520 18.32 22.07 16.60
CA PRO A 520 19.51 21.25 16.93
C PRO A 520 20.39 20.81 15.74
N GLU A 521 19.90 20.89 14.49
CA GLU A 521 20.76 20.72 13.30
C GLU A 521 21.64 21.90 12.95
N ALA A 522 21.24 23.13 13.33
CA ALA A 522 21.76 24.34 12.71
C ALA A 522 23.29 24.35 12.65
N ARG A 523 23.94 24.25 13.81
CA ARG A 523 25.40 24.25 13.83
C ARG A 523 25.96 23.09 13.01
N GLY A 524 25.31 21.93 13.05
CA GLY A 524 25.75 20.82 12.21
C GLY A 524 25.53 21.08 10.72
N VAL A 525 24.34 21.58 10.36
CA VAL A 525 24.02 21.83 8.94
C VAL A 525 24.99 22.84 8.34
N LEU A 526 25.31 23.90 9.08
CA LEU A 526 26.22 24.93 8.55
C LEU A 526 27.58 24.35 8.20
N ARG A 527 28.13 23.52 9.08
CA ARG A 527 29.47 23.00 8.87
C ARG A 527 29.51 21.92 7.79
N LEU A 528 28.48 21.07 7.74
CA LEU A 528 28.30 20.19 6.59
C LEU A 528 28.23 21.00 5.32
N PHE A 529 27.37 22.02 5.30
CA PHE A 529 27.21 22.85 4.11
C PHE A 529 28.55 23.35 3.59
N ASN A 530 29.46 23.72 4.51
CA ASN A 530 30.77 24.23 4.11
C ASN A 530 31.65 23.14 3.50
N VAL A 531 31.58 21.92 4.05
CA VAL A 531 32.42 20.83 3.54
C VAL A 531 31.89 20.24 2.24
N LEU A 532 30.62 20.43 1.93
CA LEU A 532 30.04 19.85 0.72
C LEU A 532 29.97 20.84 -0.43
N THR A 533 30.34 22.10 -0.21
CA THR A 533 30.27 23.13 -1.24
C THR A 533 31.59 23.87 -1.45
C ACT B . -8.66 -18.20 -8.83
O ACT B . -8.04 -19.19 -8.40
OXT ACT B . -8.21 -17.26 -9.54
CH3 ACT B . -10.21 -18.11 -8.46
C ACT C . -1.55 27.21 -0.28
O ACT C . -2.78 27.29 -0.55
OXT ACT C . -0.72 26.31 -0.62
CH3 ACT C . -0.95 28.37 0.59
C ACT D . 10.66 -20.06 -27.98
O ACT D . 9.89 -21.07 -28.05
OXT ACT D . 11.18 -19.54 -26.95
CH3 ACT D . 10.99 -19.32 -29.33
C1 G6Q E . 0.80 9.74 4.77
C2 G6Q E . 1.91 10.65 5.27
C3 G6Q E . 2.60 11.44 4.18
C4 G6Q E . 1.74 12.56 3.57
C5 G6Q E . 2.58 13.53 2.74
C6 G6Q E . 1.73 14.53 1.99
O1 G6Q E . 0.10 9.19 5.55
O2 G6Q E . 1.44 11.54 6.27
O3 G6Q E . 3.03 10.56 3.14
O4 G6Q E . 0.73 11.99 2.73
O5 G6Q E . 3.50 14.20 3.61
O6 G6Q E . 0.90 15.22 2.95
P G6Q E . -0.28 16.20 2.43
O1P G6Q E . -1.26 15.34 1.67
O2P G6Q E . -0.87 16.79 3.71
O3P G6Q E . 0.38 17.25 1.56
#